data_8TNO
#
_entry.id   8TNO
#
_cell.length_a   41.803
_cell.length_b   80.586
_cell.length_c   164.314
_cell.angle_alpha   90.00
_cell.angle_beta   90.00
_cell.angle_gamma   90.00
#
_symmetry.space_group_name_H-M   'P 21 21 21'
#
loop_
_entity.id
_entity.type
_entity.pdbx_description
1 polymer UNC_239
2 water water
#
_entity_poly.entity_id   1
_entity_poly.type   'polypeptide(L)'
_entity_poly.pdbx_seq_one_letter_code
;MGSVEEVKRIMDLARQKISDAMDELNMDATLKQSVDESMKRAEQRAYELSKTHEKTDALGQASADLARELVARNTSEDHQ
KQIFEALKKAAEEMAHRSDSHEDRLVMALILQTYANAKVTFRILNSGKALGKEDEAQKMADRWTRLSAEAASLSVQAIND
STSAEKMAENFRQAKEDAVASLHRAGQDDLARKVSEFADAGLSKIDELMTLTGQMWAHGLFSKEWEDAARSLSRLAAVML
AQASQTKEGSLRAVKAMEKMADNAADEAEKLMKAGSENLYFQ
;
_entity_poly.pdbx_strand_id   A,B
#
# COMPACT_ATOMS: atom_id res chain seq x y z
N VAL A 4 12.60 29.86 -9.18
CA VAL A 4 13.82 29.87 -9.98
C VAL A 4 15.04 29.85 -9.07
N GLU A 5 14.95 30.49 -7.90
CA GLU A 5 16.09 30.57 -7.00
C GLU A 5 16.34 29.26 -6.25
N GLU A 6 15.30 28.48 -5.98
CA GLU A 6 15.48 27.22 -5.28
C GLU A 6 16.16 26.15 -6.14
N VAL A 7 16.14 26.33 -7.46
CA VAL A 7 16.78 25.36 -8.36
C VAL A 7 18.28 25.39 -8.21
N LYS A 8 18.85 26.59 -8.01
CA LYS A 8 20.30 26.74 -7.90
C LYS A 8 20.85 26.02 -6.67
N ARG A 9 20.12 26.07 -5.55
CA ARG A 9 20.53 25.35 -4.36
C ARG A 9 20.52 23.84 -4.60
N ILE A 10 19.50 23.35 -5.29
CA ILE A 10 19.40 21.92 -5.61
C ILE A 10 20.59 21.48 -6.46
N MET A 11 20.90 22.26 -7.51
CA MET A 11 21.98 21.89 -8.40
C MET A 11 23.33 21.97 -7.70
N ASP A 12 23.55 23.03 -6.90
CA ASP A 12 24.81 23.19 -6.19
C ASP A 12 25.02 22.08 -5.17
N LEU A 13 23.98 21.72 -4.41
CA LEU A 13 24.12 20.69 -3.39
C LEU A 13 24.38 19.33 -4.02
N ALA A 14 23.57 18.96 -5.04
CA ALA A 14 23.77 17.67 -5.70
C ALA A 14 25.15 17.60 -6.33
N ARG A 15 25.58 18.68 -6.97
CA ARG A 15 26.88 18.75 -7.62
C ARG A 15 28.02 18.57 -6.62
N GLN A 16 27.93 19.25 -5.47
CA GLN A 16 28.93 19.07 -4.43
C GLN A 16 28.93 17.64 -3.90
N LYS A 17 27.78 16.95 -3.93
CA LYS A 17 27.78 15.57 -3.47
C LYS A 17 28.43 14.62 -4.49
N ILE A 18 28.23 14.85 -5.80
CA ILE A 18 29.01 14.01 -6.73
C ILE A 18 30.49 14.35 -6.65
N SER A 19 30.83 15.61 -6.35
CA SER A 19 32.24 15.97 -6.15
C SER A 19 32.82 15.25 -4.93
N ASP A 20 32.04 15.17 -3.84
CA ASP A 20 32.48 14.43 -2.66
C ASP A 20 32.66 12.95 -2.97
N ALA A 21 31.71 12.35 -3.69
CA ALA A 21 31.82 10.94 -4.06
C ALA A 21 33.02 10.70 -4.97
N MET A 22 33.32 11.66 -5.85
CA MET A 22 34.47 11.53 -6.73
C MET A 22 35.78 11.59 -5.95
N ASP A 23 35.89 12.52 -5.00
CA ASP A 23 37.11 12.61 -4.20
C ASP A 23 37.27 11.40 -3.29
N GLU A 24 36.17 10.85 -2.76
CA GLU A 24 36.27 9.69 -1.89
C GLU A 24 36.63 8.40 -2.62
N LEU A 25 36.36 8.33 -3.93
CA LEU A 25 36.55 7.11 -4.70
C LEU A 25 37.93 7.01 -5.34
N ASN A 26 38.81 7.99 -5.13
CA ASN A 26 40.13 8.08 -5.76
C ASN A 26 40.03 8.01 -7.29
N MET A 27 39.41 9.03 -7.86
CA MET A 27 39.20 9.04 -9.30
C MET A 27 40.31 9.80 -10.02
N ASP A 28 40.31 9.68 -11.35
CA ASP A 28 41.27 10.38 -12.19
C ASP A 28 41.03 11.89 -12.09
N ALA A 29 42.13 12.64 -11.90
CA ALA A 29 42.04 14.07 -11.67
C ALA A 29 41.49 14.80 -12.90
N THR A 30 41.91 14.39 -14.09
CA THR A 30 41.34 14.96 -15.32
C THR A 30 39.87 14.58 -15.46
N LEU A 31 39.54 13.32 -15.18
CA LEU A 31 38.15 12.86 -15.28
C LEU A 31 37.25 13.62 -14.31
N LYS A 32 37.78 13.86 -13.10
CA LYS A 32 37.06 14.65 -12.08
C LYS A 32 36.72 16.05 -12.61
N GLN A 33 37.73 16.84 -12.94
CA GLN A 33 37.48 18.25 -13.27
C GLN A 33 36.76 18.41 -14.62
N SER A 34 36.94 17.44 -15.54
CA SER A 34 36.10 17.40 -16.72
C SER A 34 34.62 17.26 -16.36
N VAL A 35 34.31 16.39 -15.39
CA VAL A 35 32.91 16.27 -14.95
C VAL A 35 32.47 17.50 -14.15
N ASP A 36 33.39 18.14 -13.42
CA ASP A 36 33.05 19.41 -12.76
C ASP A 36 32.61 20.47 -13.76
N GLU A 37 33.28 20.57 -14.91
CA GLU A 37 32.80 21.48 -15.96
C GLU A 37 31.50 20.98 -16.58
N SER A 38 31.37 19.65 -16.71
CA SER A 38 30.17 19.07 -17.30
C SER A 38 28.92 19.35 -16.46
N MET A 39 29.05 19.47 -15.14
CA MET A 39 27.88 19.87 -14.37
C MET A 39 27.85 21.36 -14.03
N LYS A 40 28.95 22.09 -14.27
CA LYS A 40 28.84 23.54 -14.44
C LYS A 40 27.86 23.87 -15.55
N ARG A 41 27.91 23.09 -16.64
CA ARG A 41 26.94 23.26 -17.72
C ARG A 41 25.50 23.10 -17.24
N ALA A 42 25.25 22.07 -16.41
CA ALA A 42 23.90 21.86 -15.89
C ALA A 42 23.49 22.97 -14.93
N GLU A 43 24.44 23.52 -14.17
CA GLU A 43 24.16 24.67 -13.32
C GLU A 43 23.67 25.86 -14.15
N GLN A 44 24.42 26.23 -15.19
CA GLN A 44 24.00 27.38 -15.99
C GLN A 44 22.72 27.10 -16.76
N ARG A 45 22.53 25.86 -17.22
CA ARG A 45 21.32 25.53 -17.95
C ARG A 45 20.08 25.50 -17.06
N ALA A 46 20.25 25.18 -15.77
CA ALA A 46 19.12 25.22 -14.84
C ALA A 46 18.56 26.63 -14.71
N TYR A 47 19.44 27.63 -14.61
CA TYR A 47 18.98 29.02 -14.56
C TYR A 47 18.48 29.51 -15.92
N GLU A 48 19.05 28.99 -17.02
CA GLU A 48 18.70 29.51 -18.34
C GLU A 48 17.27 29.13 -18.74
N LEU A 49 16.88 27.87 -18.53
CA LEU A 49 15.58 27.39 -19.00
C LEU A 49 14.42 27.83 -18.11
N SER A 50 14.66 28.29 -16.89
CA SER A 50 13.55 28.73 -16.05
C SER A 50 13.03 30.09 -16.51
N LYS A 51 11.80 30.39 -16.10
CA LYS A 51 10.98 31.57 -16.42
C LYS A 51 10.53 31.59 -17.88
N THR A 52 10.98 30.64 -18.71
CA THR A 52 10.42 30.38 -20.03
C THR A 52 9.72 29.02 -20.06
N HIS A 53 10.39 27.99 -19.59
CA HIS A 53 9.79 26.71 -19.25
C HIS A 53 9.47 26.69 -17.77
N GLU A 54 8.62 25.75 -17.37
CA GLU A 54 8.32 25.59 -15.96
C GLU A 54 9.54 25.01 -15.23
N LYS A 55 9.51 25.13 -13.89
CA LYS A 55 10.67 24.78 -13.07
C LYS A 55 11.00 23.29 -13.17
N THR A 56 9.98 22.44 -13.12
CA THR A 56 10.20 21.00 -13.22
C THR A 56 10.73 20.61 -14.59
N ASP A 57 10.23 21.25 -15.66
CA ASP A 57 10.73 20.98 -17.00
C ASP A 57 12.20 21.39 -17.15
N ALA A 58 12.56 22.53 -16.56
CA ALA A 58 13.95 22.98 -16.57
C ALA A 58 14.86 22.02 -15.82
N LEU A 59 14.40 21.55 -14.64
CA LEU A 59 15.18 20.57 -13.90
C LEU A 59 15.32 19.26 -14.66
N GLY A 60 14.25 18.82 -15.32
CA GLY A 60 14.30 17.58 -16.07
C GLY A 60 15.26 17.64 -17.25
N GLN A 61 15.21 18.74 -18.02
CA GLN A 61 16.15 18.86 -19.12
C GLN A 61 17.57 19.12 -18.63
N ALA A 62 17.72 19.74 -17.44
CA ALA A 62 19.04 19.88 -16.84
C ALA A 62 19.65 18.52 -16.54
N SER A 63 18.85 17.64 -15.92
CA SER A 63 19.31 16.28 -15.63
C SER A 63 19.58 15.49 -16.91
N ALA A 64 18.73 15.66 -17.93
CA ALA A 64 18.87 14.91 -19.17
C ALA A 64 20.12 15.31 -19.93
N ASP A 65 20.34 16.63 -20.10
CA ASP A 65 21.56 17.10 -20.72
C ASP A 65 22.79 16.77 -19.87
N LEU A 66 22.63 16.74 -18.54
CA LEU A 66 23.72 16.33 -17.65
C LEU A 66 24.12 14.88 -17.91
N ALA A 67 23.14 13.99 -18.10
CA ALA A 67 23.48 12.59 -18.30
C ALA A 67 24.08 12.35 -19.68
N ARG A 68 23.43 12.88 -20.73
CA ARG A 68 23.97 12.76 -22.09
C ARG A 68 25.33 13.45 -22.22
N GLU A 69 25.61 14.41 -21.35
CA GLU A 69 26.93 14.97 -21.15
C GLU A 69 27.88 13.98 -20.49
N LEU A 70 27.40 13.32 -19.43
CA LEU A 70 28.24 12.44 -18.62
C LEU A 70 28.68 11.20 -19.39
N VAL A 71 27.99 10.85 -20.48
CA VAL A 71 28.54 9.84 -21.38
C VAL A 71 29.77 10.38 -22.11
N ALA A 72 29.79 11.68 -22.44
CA ALA A 72 30.84 12.36 -23.20
C ALA A 72 31.02 11.75 -24.59
N ARG A 73 32.19 11.95 -25.19
CA ARG A 73 32.43 11.53 -26.57
C ARG A 73 33.42 10.39 -26.68
N ASN A 74 34.64 10.55 -26.14
CA ASN A 74 35.68 9.53 -26.20
C ASN A 74 36.13 9.26 -24.76
N THR A 75 35.42 8.36 -24.08
CA THR A 75 35.72 8.01 -22.70
C THR A 75 35.87 6.50 -22.59
N SER A 76 36.87 6.06 -21.83
CA SER A 76 37.07 4.63 -21.64
C SER A 76 35.93 4.04 -20.81
N GLU A 77 35.77 2.72 -20.95
CA GLU A 77 34.65 2.03 -20.31
C GLU A 77 34.75 2.11 -18.78
N ASP A 78 35.96 1.97 -18.24
CA ASP A 78 36.15 2.03 -16.80
C ASP A 78 35.84 3.41 -16.25
N HIS A 79 36.17 4.47 -16.99
CA HIS A 79 35.87 5.82 -16.54
C HIS A 79 34.36 6.09 -16.52
N GLN A 80 33.64 5.59 -17.55
CA GLN A 80 32.18 5.73 -17.56
C GLN A 80 31.53 4.94 -16.43
N LYS A 81 32.01 3.71 -16.20
CA LYS A 81 31.58 2.92 -15.05
C LYS A 81 31.87 3.65 -13.74
N GLN A 82 32.97 4.39 -13.68
CA GLN A 82 33.32 5.13 -12.47
C GLN A 82 32.42 6.34 -12.28
N ILE A 83 32.01 6.99 -13.38
CA ILE A 83 30.99 8.05 -13.30
C ILE A 83 29.69 7.49 -12.75
N PHE A 84 29.29 6.31 -13.23
CA PHE A 84 28.08 5.66 -12.73
C PHE A 84 28.22 5.32 -11.25
N GLU A 85 29.40 4.84 -10.84
CA GLU A 85 29.67 4.55 -9.43
C GLU A 85 29.57 5.81 -8.58
N ALA A 86 30.13 6.93 -9.07
CA ALA A 86 30.08 8.18 -8.33
C ALA A 86 28.65 8.67 -8.16
N LEU A 87 27.84 8.57 -9.22
CA LEU A 87 26.44 8.96 -9.10
C LEU A 87 25.68 8.05 -8.12
N LYS A 88 25.93 6.74 -8.20
CA LYS A 88 25.25 5.80 -7.31
C LYS A 88 25.62 6.03 -5.85
N LYS A 89 26.92 6.26 -5.58
CA LYS A 89 27.37 6.50 -4.22
C LYS A 89 26.87 7.84 -3.69
N ALA A 90 26.83 8.87 -4.55
CA ALA A 90 26.28 10.15 -4.14
C ALA A 90 24.80 10.03 -3.77
N ALA A 91 24.03 9.27 -4.55
CA ALA A 91 22.63 9.02 -4.19
C ALA A 91 22.52 8.21 -2.89
N GLU A 92 23.40 7.21 -2.73
CA GLU A 92 23.40 6.38 -1.53
C GLU A 92 23.64 7.20 -0.28
N GLU A 93 24.58 8.14 -0.34
CA GLU A 93 24.84 9.02 0.79
C GLU A 93 23.80 10.12 0.93
N MET A 94 23.13 10.50 -0.17
CA MET A 94 21.98 11.40 -0.07
C MET A 94 20.79 10.73 0.60
N ALA A 95 20.74 9.39 0.59
CA ALA A 95 19.72 8.66 1.34
C ALA A 95 19.91 8.72 2.84
N HIS A 96 21.05 9.22 3.33
CA HIS A 96 21.35 9.27 4.75
C HIS A 96 20.78 10.50 5.45
N ARG A 97 20.09 11.38 4.74
CA ARG A 97 19.46 12.55 5.35
C ARG A 97 17.94 12.45 5.30
N SER A 100 15.76 16.40 5.23
CA SER A 100 15.20 17.64 4.69
C SER A 100 14.55 17.41 3.34
N HIS A 101 13.72 18.37 2.92
CA HIS A 101 13.17 18.37 1.56
C HIS A 101 14.26 18.60 0.52
N GLU A 102 15.37 19.23 0.92
CA GLU A 102 16.52 19.36 0.03
C GLU A 102 17.08 18.01 -0.35
N ASP A 103 17.17 17.08 0.61
CA ASP A 103 17.80 15.79 0.36
C ASP A 103 16.98 14.91 -0.57
N ARG A 104 15.65 14.91 -0.42
CA ARG A 104 14.81 14.00 -1.20
C ARG A 104 14.73 14.42 -2.66
N LEU A 105 14.55 15.72 -2.92
CA LEU A 105 14.51 16.21 -4.30
C LEU A 105 15.86 16.04 -4.99
N VAL A 106 16.95 16.29 -4.24
CA VAL A 106 18.30 16.16 -4.83
C VAL A 106 18.61 14.71 -5.15
N MET A 107 18.30 13.80 -4.22
CA MET A 107 18.60 12.38 -4.40
C MET A 107 17.86 11.81 -5.61
N ALA A 108 16.63 12.27 -5.83
CA ALA A 108 15.90 11.90 -7.05
C ALA A 108 16.61 12.40 -8.28
N LEU A 109 17.21 13.60 -8.20
CA LEU A 109 17.84 14.19 -9.37
C LEU A 109 19.08 13.41 -9.82
N ILE A 110 19.92 12.97 -8.87
CA ILE A 110 21.04 12.11 -9.26
C ILE A 110 20.52 10.77 -9.78
N LEU A 111 19.49 10.23 -9.14
CA LEU A 111 18.94 8.93 -9.57
C LEU A 111 18.36 9.01 -10.98
N GLN A 112 17.67 10.11 -11.31
CA GLN A 112 17.19 10.30 -12.68
C GLN A 112 18.35 10.44 -13.65
N THR A 113 19.38 11.22 -13.26
CA THR A 113 20.57 11.38 -14.11
C THR A 113 21.33 10.08 -14.27
N TYR A 114 21.51 9.34 -13.17
CA TYR A 114 22.21 8.06 -13.22
C TYR A 114 21.45 7.05 -14.09
N ALA A 115 20.12 7.01 -13.97
CA ALA A 115 19.32 6.13 -14.81
C ALA A 115 19.38 6.54 -16.26
N ASN A 116 19.30 7.85 -16.53
CA ASN A 116 19.45 8.36 -17.89
C ASN A 116 20.82 8.03 -18.45
N ALA A 117 21.88 8.27 -17.66
CA ALA A 117 23.23 8.10 -18.17
C ALA A 117 23.57 6.64 -18.44
N LYS A 118 23.04 5.72 -17.62
CA LYS A 118 23.32 4.31 -17.80
C LYS A 118 22.74 3.79 -19.11
N VAL A 119 21.55 4.26 -19.48
CA VAL A 119 20.89 3.73 -20.67
C VAL A 119 21.50 4.34 -21.93
N THR A 120 21.78 5.65 -21.91
CA THR A 120 22.44 6.32 -23.03
C THR A 120 23.77 5.67 -23.37
N PHE A 121 24.56 5.34 -22.34
CA PHE A 121 25.88 4.75 -22.57
C PHE A 121 25.77 3.38 -23.22
N ARG A 122 24.74 2.60 -22.85
CA ARG A 122 24.58 1.30 -23.47
C ARG A 122 23.99 1.38 -24.88
N ILE A 123 23.22 2.43 -25.17
CA ILE A 123 22.73 2.63 -26.53
C ILE A 123 23.90 2.95 -27.46
N LEU A 124 24.76 3.87 -27.04
CA LEU A 124 25.90 4.27 -27.86
C LEU A 124 26.93 3.15 -28.00
N ASN A 125 27.22 2.43 -26.90
CA ASN A 125 28.23 1.39 -26.94
C ASN A 125 27.76 0.17 -27.72
N SER A 126 26.45 -0.08 -27.78
CA SER A 126 25.96 -1.22 -28.53
C SER A 126 26.14 -1.04 -30.03
N GLY A 127 25.98 0.20 -30.51
CA GLY A 127 26.18 0.46 -31.93
C GLY A 127 27.62 0.30 -32.38
N LYS A 128 28.58 0.56 -31.49
CA LYS A 128 29.99 0.40 -31.83
C LYS A 128 30.34 -1.06 -32.05
N ALA A 129 29.82 -1.96 -31.20
CA ALA A 129 30.11 -3.38 -31.36
C ALA A 129 29.33 -3.97 -32.54
N LEU A 130 28.07 -3.60 -32.69
CA LEU A 130 27.19 -4.16 -33.70
C LEU A 130 27.33 -3.48 -35.06
N GLY A 131 28.17 -2.46 -35.17
CA GLY A 131 28.29 -1.74 -36.42
C GLY A 131 27.14 -0.81 -36.73
N LYS A 132 26.34 -0.47 -35.73
CA LYS A 132 25.14 0.35 -35.94
C LYS A 132 25.24 1.64 -35.15
N GLU A 133 26.38 2.33 -35.24
CA GLU A 133 26.60 3.57 -34.51
C GLU A 133 25.69 4.70 -34.98
N ASP A 134 25.10 4.58 -36.17
CA ASP A 134 24.13 5.56 -36.65
C ASP A 134 22.86 5.52 -35.81
N LYS A 138 21.76 7.21 -32.35
CA LYS A 138 20.68 8.00 -32.92
C LYS A 138 19.41 7.87 -32.08
N MET A 139 19.19 6.67 -31.53
CA MET A 139 18.07 6.44 -30.63
C MET A 139 18.29 7.05 -29.25
N ALA A 140 19.55 7.27 -28.85
CA ALA A 140 19.84 7.84 -27.54
C ALA A 140 19.40 9.29 -27.44
N ASP A 141 19.33 10.01 -28.55
CA ASP A 141 18.97 11.41 -28.52
C ASP A 141 17.52 11.61 -28.13
N ARG A 142 16.63 10.75 -28.61
CA ARG A 142 15.22 10.83 -28.21
C ARG A 142 15.05 10.42 -26.76
N TRP A 143 15.83 9.43 -26.30
CA TRP A 143 15.74 8.95 -24.93
C TRP A 143 16.08 10.06 -23.93
N THR A 144 16.97 10.97 -24.31
CA THR A 144 17.25 12.14 -23.48
C THR A 144 16.00 12.99 -23.29
N ARG A 145 15.23 13.20 -24.36
CA ARG A 145 14.02 14.01 -24.25
C ARG A 145 12.91 13.25 -23.52
N LEU A 146 12.81 11.94 -23.73
CA LEU A 146 11.81 11.14 -23.02
C LEU A 146 12.12 11.09 -21.53
N SER A 147 13.40 10.94 -21.17
CA SER A 147 13.77 10.96 -19.76
C SER A 147 13.76 12.37 -19.19
N ALA A 148 13.87 13.39 -20.03
CA ALA A 148 13.65 14.76 -19.56
C ALA A 148 12.22 14.95 -19.09
N GLU A 149 11.27 14.36 -19.83
CA GLU A 149 9.88 14.33 -19.37
C GLU A 149 9.75 13.49 -18.11
N ALA A 150 10.46 12.35 -18.05
CA ALA A 150 10.37 11.47 -16.88
C ALA A 150 10.97 12.11 -15.64
N ALA A 151 12.09 12.82 -15.79
CA ALA A 151 12.76 13.41 -14.64
C ALA A 151 11.93 14.51 -14.01
N SER A 152 11.21 15.29 -14.84
CA SER A 152 10.30 16.31 -14.30
C SER A 152 9.13 15.68 -13.55
N LEU A 153 8.66 14.52 -14.02
CA LEU A 153 7.56 13.82 -13.34
C LEU A 153 8.00 13.35 -11.95
N SER A 154 9.21 12.79 -11.83
CA SER A 154 9.71 12.34 -10.55
C SER A 154 9.99 13.52 -9.62
N VAL A 155 10.47 14.63 -10.18
CA VAL A 155 10.65 15.85 -9.39
C VAL A 155 9.31 16.36 -8.87
N GLN A 156 8.29 16.37 -9.74
CA GLN A 156 6.96 16.83 -9.35
C GLN A 156 6.34 15.90 -8.30
N ALA A 157 6.60 14.59 -8.42
CA ALA A 157 6.08 13.65 -7.43
C ALA A 157 6.66 13.91 -6.05
N ILE A 158 7.95 14.24 -5.97
CA ILE A 158 8.55 14.59 -4.70
C ILE A 158 8.17 16.03 -4.31
N ASN A 159 7.87 16.88 -5.30
CA ASN A 159 7.33 18.20 -5.00
C ASN A 159 5.98 18.12 -4.29
N ASP A 160 5.20 17.07 -4.58
CA ASP A 160 3.92 16.84 -3.95
C ASP A 160 4.01 16.24 -2.55
N SER A 161 5.21 15.90 -2.09
CA SER A 161 5.40 15.18 -0.82
C SER A 161 5.03 16.00 0.41
N THR A 162 4.80 17.31 0.26
CA THR A 162 4.38 18.13 1.40
C THR A 162 2.94 17.83 1.82
N SER A 163 2.12 17.31 0.92
CA SER A 163 0.71 17.07 1.19
C SER A 163 0.47 15.62 1.64
N ALA A 164 -0.80 15.30 1.86
CA ALA A 164 -1.24 13.93 2.11
C ALA A 164 -2.44 13.52 1.28
N GLU A 165 -3.23 14.46 0.77
CA GLU A 165 -4.30 14.14 -0.17
C GLU A 165 -3.84 14.19 -1.61
N LYS A 166 -2.91 15.10 -1.93
CA LYS A 166 -2.29 15.09 -3.24
C LYS A 166 -1.53 13.80 -3.50
N MET A 167 -0.97 13.22 -2.44
CA MET A 167 -0.33 11.90 -2.54
C MET A 167 -1.31 10.82 -2.95
N ALA A 168 -2.43 10.72 -2.23
CA ALA A 168 -3.41 9.67 -2.53
C ALA A 168 -4.06 9.88 -3.88
N GLU A 169 -4.35 11.14 -4.23
CA GLU A 169 -4.96 11.45 -5.51
C GLU A 169 -4.02 11.11 -6.66
N ASN A 170 -2.75 11.51 -6.54
CA ASN A 170 -1.77 11.18 -7.58
C ASN A 170 -1.53 9.68 -7.68
N PHE A 171 -1.51 8.98 -6.53
CA PHE A 171 -1.32 7.54 -6.55
C PHE A 171 -2.47 6.83 -7.24
N ARG A 172 -3.71 7.19 -6.89
CA ARG A 172 -4.85 6.54 -7.53
C ARG A 172 -4.92 6.88 -9.01
N GLN A 173 -4.58 8.13 -9.37
CA GLN A 173 -4.56 8.55 -10.76
C GLN A 173 -3.54 7.73 -11.55
N ALA A 174 -2.33 7.59 -11.01
CA ALA A 174 -1.26 6.90 -11.73
C ALA A 174 -1.49 5.39 -11.77
N LYS A 175 -2.06 4.80 -10.71
CA LYS A 175 -2.40 3.38 -10.74
C LYS A 175 -3.47 3.09 -11.79
N GLU A 176 -4.55 3.90 -11.80
CA GLU A 176 -5.60 3.72 -12.80
C GLU A 176 -5.05 3.94 -14.20
N ASP A 177 -4.21 4.96 -14.39
CA ASP A 177 -3.64 5.25 -15.70
C ASP A 177 -2.75 4.11 -16.19
N ALA A 178 -1.93 3.53 -15.30
CA ALA A 178 -1.04 2.46 -15.74
C ALA A 178 -1.80 1.19 -16.08
N VAL A 179 -2.79 0.84 -15.25
CA VAL A 179 -3.61 -0.34 -15.55
C VAL A 179 -4.39 -0.14 -16.84
N ALA A 180 -4.99 1.04 -17.02
CA ALA A 180 -5.76 1.32 -18.23
C ALA A 180 -4.88 1.32 -19.47
N SER A 181 -3.67 1.90 -19.37
CA SER A 181 -2.77 1.96 -20.51
C SER A 181 -2.32 0.58 -20.95
N LEU A 182 -1.99 -0.29 -19.99
CA LEU A 182 -1.60 -1.65 -20.38
C LEU A 182 -2.78 -2.44 -20.93
N HIS A 183 -3.99 -2.23 -20.38
CA HIS A 183 -5.18 -2.84 -20.96
C HIS A 183 -5.42 -2.34 -22.38
N ARG A 184 -5.24 -1.04 -22.59
CA ARG A 184 -5.53 -0.44 -23.89
C ARG A 184 -4.57 -0.94 -24.97
N ALA A 185 -3.34 -1.28 -24.59
CA ALA A 185 -2.35 -1.82 -25.51
C ALA A 185 -2.33 -3.34 -25.53
N GLY A 186 -3.37 -3.99 -24.99
CA GLY A 186 -3.53 -5.42 -25.12
C GLY A 186 -2.78 -6.27 -24.13
N GLN A 187 -2.17 -5.68 -23.10
CA GLN A 187 -1.44 -6.45 -22.10
C GLN A 187 -2.28 -6.57 -20.84
N ASP A 188 -3.21 -7.52 -20.88
CA ASP A 188 -4.10 -7.76 -19.74
C ASP A 188 -3.35 -8.33 -18.56
N ASP A 189 -2.44 -9.28 -18.82
CA ASP A 189 -1.67 -9.89 -17.74
C ASP A 189 -0.80 -8.85 -17.04
N LEU A 190 -0.04 -8.07 -17.82
CA LEU A 190 0.87 -7.08 -17.25
C LEU A 190 0.11 -6.00 -16.50
N ALA A 191 -1.07 -5.61 -17.00
CA ALA A 191 -1.90 -4.64 -16.28
C ALA A 191 -2.31 -5.16 -14.91
N ARG A 192 -2.67 -6.45 -14.83
CA ARG A 192 -3.04 -7.03 -13.54
C ARG A 192 -1.84 -7.18 -12.61
N LYS A 193 -0.65 -7.51 -13.15
CA LYS A 193 0.54 -7.49 -12.29
C LYS A 193 0.85 -6.09 -11.79
N VAL A 194 0.61 -5.07 -12.60
CA VAL A 194 0.88 -3.70 -12.17
C VAL A 194 -0.09 -3.29 -11.07
N SER A 195 -1.35 -3.73 -11.19
CA SER A 195 -2.32 -3.53 -10.12
C SER A 195 -1.88 -4.21 -8.82
N GLU A 196 -1.41 -5.45 -8.92
CA GLU A 196 -0.90 -6.15 -7.73
C GLU A 196 0.30 -5.43 -7.13
N PHE A 197 1.25 -4.99 -7.97
CA PHE A 197 2.43 -4.27 -7.47
C PHE A 197 2.02 -2.99 -6.75
N ALA A 198 1.11 -2.23 -7.36
CA ALA A 198 0.65 -0.99 -6.73
C ALA A 198 -0.17 -1.26 -5.48
N ASP A 199 -0.69 -2.47 -5.35
CA ASP A 199 -1.49 -2.86 -4.20
C ASP A 199 -0.65 -3.30 -3.00
N ALA A 200 0.65 -3.56 -3.18
CA ALA A 200 1.45 -4.21 -2.17
C ALA A 200 2.33 -3.23 -1.39
N GLY A 201 1.93 -1.96 -1.33
CA GLY A 201 2.74 -0.97 -0.64
C GLY A 201 4.06 -0.76 -1.33
N LEU A 202 5.13 -0.68 -0.55
CA LEU A 202 6.48 -0.58 -1.07
C LEU A 202 7.20 -1.92 -1.14
N SER A 203 6.51 -3.03 -0.84
CA SER A 203 7.14 -4.33 -0.83
C SER A 203 7.43 -4.87 -2.22
N LYS A 204 6.77 -4.33 -3.25
CA LYS A 204 6.93 -4.79 -4.63
C LYS A 204 7.60 -3.74 -5.50
N ILE A 205 8.32 -2.78 -4.90
CA ILE A 205 8.88 -1.68 -5.68
C ILE A 205 10.00 -2.17 -6.62
N ASP A 206 10.71 -3.25 -6.24
CA ASP A 206 11.78 -3.76 -7.10
C ASP A 206 11.24 -4.31 -8.41
N GLU A 207 10.18 -5.14 -8.34
CA GLU A 207 9.61 -5.71 -9.54
C GLU A 207 8.93 -4.65 -10.41
N LEU A 208 8.32 -3.65 -9.78
CA LEU A 208 7.73 -2.55 -10.53
C LEU A 208 8.81 -1.74 -11.23
N MET A 209 9.96 -1.52 -10.59
CA MET A 209 11.03 -0.77 -11.24
C MET A 209 11.66 -1.57 -12.37
N THR A 210 11.80 -2.89 -12.19
CA THR A 210 12.27 -3.76 -13.28
C THR A 210 11.35 -3.66 -14.49
N LEU A 211 10.03 -3.79 -14.26
CA LEU A 211 9.07 -3.68 -15.35
C LEU A 211 9.06 -2.28 -15.96
N THR A 212 9.19 -1.25 -15.13
CA THR A 212 9.26 0.13 -15.61
C THR A 212 10.46 0.35 -16.52
N GLY A 213 11.63 -0.18 -16.14
CA GLY A 213 12.81 -0.05 -16.98
C GLY A 213 12.66 -0.79 -18.30
N GLN A 214 12.21 -2.05 -18.25
CA GLN A 214 12.04 -2.83 -19.47
C GLN A 214 11.04 -2.17 -20.42
N MET A 215 9.95 -1.62 -19.87
CA MET A 215 9.00 -0.90 -20.72
C MET A 215 9.56 0.44 -21.20
N TRP A 216 10.48 1.05 -20.44
CA TRP A 216 11.12 2.26 -20.94
C TRP A 216 11.94 1.97 -22.16
N ALA A 217 12.68 0.85 -22.15
CA ALA A 217 13.43 0.44 -23.33
C ALA A 217 12.51 0.06 -24.48
N HIS A 218 11.33 -0.47 -24.20
CA HIS A 218 10.43 -0.89 -25.28
C HIS A 218 9.64 0.28 -25.84
N GLY A 219 9.27 1.25 -25.02
CA GLY A 219 8.61 2.44 -25.54
C GLY A 219 9.57 3.36 -26.27
N LEU A 220 10.86 3.26 -25.98
CA LEU A 220 11.86 3.98 -26.74
C LEU A 220 11.95 3.44 -28.16
N PHE A 221 12.06 2.11 -28.30
CA PHE A 221 12.28 1.47 -29.58
C PHE A 221 11.02 1.32 -30.41
N SER A 222 9.84 1.50 -29.83
CA SER A 222 8.58 1.38 -30.56
C SER A 222 7.57 2.32 -29.92
N LYS A 223 6.99 3.22 -30.72
CA LYS A 223 6.10 4.23 -30.19
C LYS A 223 4.78 3.67 -29.70
N GLU A 224 4.45 2.42 -30.01
CA GLU A 224 3.19 1.85 -29.56
C GLU A 224 3.19 1.48 -28.08
N TRP A 225 4.37 1.42 -27.46
CA TRP A 225 4.50 1.18 -26.03
C TRP A 225 4.81 2.45 -25.25
N GLU A 226 4.67 3.62 -25.87
CA GLU A 226 5.13 4.86 -25.23
C GLU A 226 4.22 5.27 -24.07
N ASP A 227 2.90 5.17 -24.27
CA ASP A 227 1.97 5.60 -23.22
C ASP A 227 2.02 4.67 -22.01
N ALA A 228 2.21 3.37 -22.24
CA ALA A 228 2.36 2.43 -21.13
C ALA A 228 3.62 2.72 -20.31
N ALA A 229 4.72 3.02 -21.01
CA ALA A 229 5.97 3.36 -20.32
C ALA A 229 5.84 4.65 -19.53
N ARG A 230 5.16 5.65 -20.10
CA ARG A 230 4.96 6.91 -19.39
C ARG A 230 4.06 6.74 -18.18
N SER A 231 3.01 5.93 -18.30
CA SER A 231 2.10 5.72 -17.18
C SER A 231 2.77 4.92 -16.07
N LEU A 232 3.57 3.91 -16.44
CA LEU A 232 4.37 3.20 -15.46
C LEU A 232 5.35 4.12 -14.77
N SER A 233 5.92 5.08 -15.52
CA SER A 233 6.81 6.06 -14.92
C SER A 233 6.08 6.94 -13.91
N ARG A 234 4.84 7.33 -14.23
CA ARG A 234 4.05 8.14 -13.29
C ARG A 234 3.77 7.37 -11.99
N LEU A 235 3.36 6.10 -12.12
CA LEU A 235 3.10 5.29 -10.93
C LEU A 235 4.37 5.06 -10.13
N ALA A 236 5.47 4.77 -10.81
CA ALA A 236 6.75 4.54 -10.14
C ALA A 236 7.24 5.80 -9.46
N ALA A 237 7.07 6.97 -10.10
CA ALA A 237 7.53 8.22 -9.52
C ALA A 237 6.73 8.57 -8.26
N VAL A 238 5.42 8.31 -8.28
CA VAL A 238 4.62 8.48 -7.07
C VAL A 238 5.11 7.55 -5.96
N MET A 239 5.36 6.28 -6.30
CA MET A 239 5.84 5.32 -5.32
C MET A 239 7.19 5.72 -4.72
N LEU A 240 8.12 6.17 -5.57
CA LEU A 240 9.43 6.58 -5.09
C LEU A 240 9.33 7.85 -4.24
N ALA A 241 8.38 8.74 -4.57
CA ALA A 241 8.11 9.88 -3.71
C ALA A 241 7.59 9.43 -2.35
N GLN A 242 6.81 8.35 -2.31
CA GLN A 242 6.41 7.79 -1.02
C GLN A 242 7.57 7.16 -0.28
N ALA A 243 8.53 6.58 -1.01
CA ALA A 243 9.61 5.85 -0.35
C ALA A 243 10.62 6.80 0.29
N SER A 244 10.92 7.91 -0.38
CA SER A 244 12.02 8.77 0.06
C SER A 244 11.67 9.67 1.24
N GLN A 245 10.46 9.56 1.78
CA GLN A 245 10.11 10.33 2.99
C GLN A 245 10.85 9.84 4.22
N THR A 246 11.30 8.58 4.23
CA THR A 246 12.07 8.01 5.33
C THR A 246 13.51 7.74 4.86
N LYS A 247 14.30 7.12 5.74
CA LYS A 247 15.73 6.91 5.48
C LYS A 247 15.98 5.65 4.67
N GLU A 248 15.56 4.48 5.18
CA GLU A 248 15.77 3.24 4.45
C GLU A 248 14.89 3.18 3.20
N GLY A 249 13.76 3.87 3.21
CA GLY A 249 12.97 4.00 2.00
C GLY A 249 13.67 4.78 0.91
N SER A 250 14.47 5.77 1.30
CA SER A 250 15.37 6.42 0.34
C SER A 250 16.43 5.45 -0.15
N LEU A 251 16.94 4.59 0.73
CA LEU A 251 17.91 3.58 0.34
C LEU A 251 17.29 2.54 -0.59
N ARG A 252 16.08 2.08 -0.24
CA ARG A 252 15.36 1.17 -1.12
C ARG A 252 15.03 1.83 -2.45
N ALA A 253 14.79 3.15 -2.44
CA ALA A 253 14.55 3.89 -3.67
C ALA A 253 15.79 3.93 -4.53
N VAL A 254 16.96 4.11 -3.91
CA VAL A 254 18.23 4.09 -4.64
C VAL A 254 18.44 2.74 -5.30
N LYS A 255 18.24 1.66 -4.54
CA LYS A 255 18.41 0.32 -5.10
C LYS A 255 17.40 0.02 -6.20
N ALA A 256 16.16 0.50 -6.03
CA ALA A 256 15.12 0.28 -7.02
C ALA A 256 15.39 1.06 -8.31
N MET A 257 15.86 2.30 -8.16
CA MET A 257 16.26 3.09 -9.33
C MET A 257 17.42 2.44 -10.07
N GLU A 258 18.37 1.85 -9.33
CA GLU A 258 19.44 1.08 -9.97
C GLU A 258 18.87 -0.09 -10.75
N LYS A 259 17.87 -0.77 -10.16
CA LYS A 259 17.20 -1.88 -10.82
C LYS A 259 16.56 -1.45 -12.13
N MET A 260 15.86 -0.33 -12.11
CA MET A 260 15.23 0.21 -13.30
C MET A 260 16.27 0.57 -14.36
N ALA A 261 17.36 1.22 -13.95
CA ALA A 261 18.39 1.61 -14.90
C ALA A 261 19.05 0.40 -15.55
N ASP A 262 19.35 -0.62 -14.76
CA ASP A 262 20.02 -1.81 -15.29
C ASP A 262 19.11 -2.60 -16.21
N ASN A 263 17.82 -2.74 -15.85
CA ASN A 263 16.92 -3.50 -16.70
C ASN A 263 16.59 -2.74 -17.98
N ALA A 264 16.47 -1.41 -17.89
CA ALA A 264 16.24 -0.62 -19.08
C ALA A 264 17.43 -0.68 -20.02
N ALA A 265 18.65 -0.65 -19.47
CA ALA A 265 19.84 -0.76 -20.30
C ALA A 265 19.98 -2.15 -20.92
N ASP A 266 19.67 -3.21 -20.15
CA ASP A 266 19.76 -4.57 -20.69
C ASP A 266 18.74 -4.79 -21.80
N GLU A 267 17.51 -4.30 -21.62
CA GLU A 267 16.52 -4.43 -22.67
C GLU A 267 16.84 -3.52 -23.86
N ALA A 268 17.50 -2.39 -23.62
CA ALA A 268 17.96 -1.55 -24.72
C ALA A 268 19.02 -2.26 -25.56
N GLU A 269 19.94 -2.97 -24.91
CA GLU A 269 20.95 -3.74 -25.64
C GLU A 269 20.28 -4.86 -26.44
N LYS A 270 19.37 -5.60 -25.79
CA LYS A 270 18.65 -6.69 -26.46
C LYS A 270 17.85 -6.19 -27.65
N LEU A 271 17.25 -5.00 -27.52
CA LEU A 271 16.48 -4.44 -28.61
C LEU A 271 17.36 -3.86 -29.73
N MET A 272 18.54 -3.32 -29.40
CA MET A 272 19.44 -2.86 -30.46
C MET A 272 19.95 -4.03 -31.30
N LYS A 273 20.34 -5.14 -30.67
CA LYS A 273 20.71 -6.29 -31.50
C LYS A 273 19.52 -7.19 -31.80
N ALA A 274 18.41 -6.61 -32.29
CA ALA A 274 17.31 -7.43 -32.80
C ALA A 274 16.59 -6.64 -33.89
N GLY A 275 17.08 -6.77 -35.13
CA GLY A 275 16.30 -6.48 -36.32
C GLY A 275 15.76 -5.08 -36.45
N SER A 276 16.45 -4.09 -35.88
CA SER A 276 16.05 -2.69 -36.01
C SER A 276 16.59 -2.13 -37.33
N GLU A 277 16.31 -2.84 -38.41
CA GLU A 277 16.71 -2.48 -39.76
C GLU A 277 15.43 -2.19 -40.54
N ASN A 278 15.20 -0.92 -40.86
CA ASN A 278 14.01 -0.50 -41.56
C ASN A 278 14.15 -0.83 -43.05
N LEU A 279 13.24 -0.30 -43.87
CA LEU A 279 13.28 -0.58 -45.30
C LEU A 279 12.99 0.68 -46.10
N TYR A 280 13.86 0.97 -47.06
CA TYR A 280 13.66 2.06 -48.00
C TYR A 280 12.51 1.74 -48.95
N GLY B 2 -21.79 15.49 22.43
CA GLY B 2 -20.49 15.03 22.91
C GLY B 2 -20.26 13.54 22.73
N SER B 3 -19.72 12.91 23.78
CA SER B 3 -19.37 11.50 23.69
C SER B 3 -20.61 10.62 23.75
N VAL B 4 -21.45 10.80 24.77
CA VAL B 4 -22.60 9.93 24.98
C VAL B 4 -23.63 10.12 23.86
N GLU B 5 -23.79 11.36 23.38
CA GLU B 5 -24.77 11.65 22.34
C GLU B 5 -24.34 11.11 20.98
N GLU B 6 -23.04 10.86 20.78
CA GLU B 6 -22.57 10.34 19.51
C GLU B 6 -22.99 8.88 19.30
N VAL B 7 -22.99 8.09 20.37
CA VAL B 7 -23.22 6.64 20.30
C VAL B 7 -24.58 6.31 19.71
N LYS B 8 -25.61 7.10 20.06
CA LYS B 8 -26.93 6.88 19.49
C LYS B 8 -26.93 7.10 17.98
N ARG B 9 -26.05 7.96 17.46
CA ARG B 9 -26.00 8.20 16.02
C ARG B 9 -25.46 6.97 15.27
N ILE B 10 -24.37 6.37 15.77
CA ILE B 10 -23.88 5.13 15.15
C ILE B 10 -24.93 4.02 15.25
N MET B 11 -25.57 3.89 16.41
CA MET B 11 -26.54 2.80 16.56
C MET B 11 -27.76 2.99 15.67
N ASP B 12 -28.26 4.24 15.55
CA ASP B 12 -29.37 4.53 14.65
C ASP B 12 -28.99 4.30 13.19
N LEU B 13 -27.77 4.73 12.81
CA LEU B 13 -27.31 4.55 11.43
C LEU B 13 -27.20 3.07 11.08
N ALA B 14 -26.67 2.27 12.01
CA ALA B 14 -26.62 0.82 11.81
C ALA B 14 -28.02 0.23 11.69
N ARG B 15 -28.95 0.70 12.52
CA ARG B 15 -30.31 0.18 12.52
C ARG B 15 -30.99 0.41 11.17
N GLN B 16 -30.95 1.64 10.66
CA GLN B 16 -31.65 1.86 9.38
C GLN B 16 -30.87 1.35 8.17
N LYS B 17 -29.54 1.28 8.22
CA LYS B 17 -28.82 0.64 7.12
C LYS B 17 -29.17 -0.85 7.05
N ILE B 18 -29.26 -1.52 8.21
CA ILE B 18 -29.66 -2.92 8.23
C ILE B 18 -31.12 -3.08 7.81
N SER B 19 -31.98 -2.13 8.16
CA SER B 19 -33.37 -2.18 7.73
C SER B 19 -33.48 -2.07 6.21
N ASP B 20 -32.76 -1.13 5.60
CA ASP B 20 -32.78 -0.99 4.15
C ASP B 20 -32.16 -2.20 3.47
N ALA B 21 -31.12 -2.78 4.07
CA ALA B 21 -30.51 -4.00 3.52
C ALA B 21 -31.49 -5.16 3.56
N MET B 22 -32.28 -5.27 4.63
CA MET B 22 -33.32 -6.30 4.69
C MET B 22 -34.43 -6.02 3.68
N ASP B 23 -34.69 -4.74 3.40
CA ASP B 23 -35.65 -4.40 2.35
C ASP B 23 -35.15 -4.83 0.97
N GLU B 24 -33.85 -4.66 0.71
CA GLU B 24 -33.31 -5.06 -0.59
C GLU B 24 -33.19 -6.57 -0.73
N LEU B 25 -33.29 -7.33 0.36
CA LEU B 25 -33.46 -8.77 0.31
C LEU B 25 -34.93 -9.11 0.56
N ASN B 26 -35.22 -10.40 0.63
CA ASN B 26 -36.56 -10.87 1.02
C ASN B 26 -36.39 -11.78 2.22
N MET B 27 -36.58 -11.22 3.41
CA MET B 27 -36.57 -11.97 4.64
C MET B 27 -37.99 -12.14 5.16
N ASP B 28 -38.17 -13.15 6.01
CA ASP B 28 -39.41 -13.25 6.77
C ASP B 28 -39.55 -11.99 7.62
N ALA B 29 -40.73 -11.40 7.57
CA ALA B 29 -40.90 -10.11 8.20
C ALA B 29 -41.14 -10.22 9.70
N THR B 30 -41.46 -11.41 10.21
CA THR B 30 -41.30 -11.70 11.63
C THR B 30 -39.84 -11.59 12.04
N LEU B 31 -38.94 -12.16 11.22
CA LEU B 31 -37.51 -12.05 11.46
C LEU B 31 -37.04 -10.60 11.34
N LYS B 32 -37.66 -9.85 10.41
CA LYS B 32 -37.33 -8.43 10.26
C LYS B 32 -37.64 -7.64 11.53
N GLN B 33 -38.81 -7.88 12.14
CA GLN B 33 -39.15 -7.18 13.36
C GLN B 33 -38.34 -7.67 14.54
N SER B 34 -38.01 -8.97 14.59
CA SER B 34 -37.14 -9.46 15.66
C SER B 34 -35.76 -8.80 15.60
N VAL B 35 -35.19 -8.69 14.40
CA VAL B 35 -33.88 -8.09 14.25
C VAL B 35 -33.93 -6.59 14.51
N ASP B 36 -34.96 -5.91 14.03
CA ASP B 36 -35.13 -4.47 14.26
C ASP B 36 -35.30 -4.18 15.76
N GLU B 37 -36.07 -5.01 16.45
CA GLU B 37 -36.29 -4.87 17.88
C GLU B 37 -34.98 -5.05 18.64
N SER B 38 -34.18 -6.05 18.26
CA SER B 38 -32.88 -6.26 18.90
C SER B 38 -31.93 -5.09 18.62
N MET B 39 -32.02 -4.51 17.41
CA MET B 39 -31.24 -3.32 17.11
C MET B 39 -31.63 -2.15 18.01
N LYS B 40 -32.92 -1.98 18.27
CA LYS B 40 -33.37 -0.89 19.14
C LYS B 40 -32.90 -1.10 20.58
N ARG B 41 -32.96 -2.35 21.05
CA ARG B 41 -32.41 -2.68 22.38
C ARG B 41 -30.92 -2.38 22.46
N ALA B 42 -30.17 -2.74 21.42
CA ALA B 42 -28.74 -2.42 21.39
C ALA B 42 -28.50 -0.91 21.37
N GLU B 43 -29.39 -0.16 20.70
CA GLU B 43 -29.27 1.29 20.69
C GLU B 43 -29.40 1.89 22.09
N GLN B 44 -30.46 1.53 22.82
CA GLN B 44 -30.62 2.13 24.15
C GLN B 44 -29.64 1.54 25.16
N ARG B 45 -29.23 0.28 25.00
CA ARG B 45 -28.20 -0.28 25.87
C ARG B 45 -26.85 0.36 25.60
N ALA B 46 -26.59 0.80 24.36
CA ALA B 46 -25.39 1.56 24.07
C ALA B 46 -25.47 2.96 24.63
N TYR B 47 -26.69 3.52 24.72
CA TYR B 47 -26.85 4.77 25.45
C TYR B 47 -26.48 4.59 26.92
N GLU B 48 -26.98 3.52 27.55
CA GLU B 48 -26.71 3.30 28.97
C GLU B 48 -25.24 3.01 29.24
N LEU B 49 -24.55 2.39 28.28
CA LEU B 49 -23.14 2.07 28.46
C LEU B 49 -22.26 3.30 28.30
N SER B 50 -22.66 4.21 27.40
CA SER B 50 -21.87 5.40 27.12
C SER B 50 -21.87 6.38 28.28
N LYS B 51 -22.83 6.28 29.21
CA LYS B 51 -22.81 7.16 30.37
C LYS B 51 -21.76 6.71 31.38
N THR B 52 -21.48 5.42 31.47
CA THR B 52 -20.57 4.90 32.49
C THR B 52 -19.18 4.54 31.96
N HIS B 53 -19.05 4.21 30.67
CA HIS B 53 -17.79 3.74 30.12
C HIS B 53 -17.32 4.64 28.99
N GLU B 54 -16.06 4.44 28.60
CA GLU B 54 -15.50 5.10 27.43
C GLU B 54 -16.21 4.60 26.17
N LYS B 55 -16.34 5.50 25.18
CA LYS B 55 -17.18 5.25 24.01
C LYS B 55 -16.72 4.03 23.22
N THR B 56 -15.41 3.81 23.11
CA THR B 56 -14.90 2.68 22.32
C THR B 56 -15.27 1.34 22.96
N ASP B 57 -15.10 1.23 24.28
CA ASP B 57 -15.51 0.01 24.97
C ASP B 57 -17.03 -0.13 24.97
N ALA B 58 -17.76 0.99 24.98
CA ALA B 58 -19.21 0.93 24.86
C ALA B 58 -19.63 0.37 23.50
N LEU B 59 -18.94 0.78 22.43
CA LEU B 59 -19.22 0.25 21.09
C LEU B 59 -18.92 -1.24 21.02
N GLY B 60 -17.79 -1.66 21.59
CA GLY B 60 -17.44 -3.08 21.55
C GLY B 60 -18.39 -3.96 22.36
N GLN B 61 -18.73 -3.51 23.57
CA GLN B 61 -19.67 -4.25 24.40
C GLN B 61 -21.08 -4.26 23.79
N ALA B 62 -21.47 -3.15 23.13
CA ALA B 62 -22.77 -3.10 22.47
C ALA B 62 -22.83 -4.07 21.29
N SER B 63 -21.74 -4.13 20.50
CA SER B 63 -21.68 -5.10 19.40
C SER B 63 -21.73 -6.53 19.92
N ALA B 64 -21.02 -6.81 21.02
CA ALA B 64 -21.00 -8.16 21.58
C ALA B 64 -22.37 -8.57 22.11
N ASP B 65 -23.01 -7.69 22.88
CA ASP B 65 -24.33 -8.01 23.44
C ASP B 65 -25.40 -8.06 22.36
N LEU B 66 -25.26 -7.24 21.30
CA LEU B 66 -26.18 -7.31 20.17
C LEU B 66 -26.05 -8.64 19.44
N ALA B 67 -24.82 -9.13 19.23
CA ALA B 67 -24.64 -10.43 18.59
C ALA B 67 -25.16 -11.55 19.45
N ARG B 68 -24.96 -11.44 20.78
CA ARG B 68 -25.51 -12.40 21.72
C ARG B 68 -27.03 -12.43 21.65
N GLU B 69 -27.66 -11.26 21.54
CA GLU B 69 -29.12 -11.22 21.40
C GLU B 69 -29.57 -11.81 20.07
N LEU B 70 -28.92 -11.41 18.97
CA LEU B 70 -29.32 -11.85 17.64
C LEU B 70 -29.19 -13.36 17.48
N VAL B 71 -28.26 -13.98 18.20
CA VAL B 71 -28.17 -15.44 18.17
C VAL B 71 -29.36 -16.06 18.91
N ALA B 72 -29.68 -15.54 20.10
CA ALA B 72 -30.56 -16.22 21.03
C ALA B 72 -32.04 -16.09 20.72
N ARG B 73 -32.44 -15.24 19.77
CA ARG B 73 -33.85 -15.04 19.47
C ARG B 73 -34.31 -15.64 18.15
N ASN B 74 -33.39 -15.94 17.25
CA ASN B 74 -33.69 -16.44 15.91
C ASN B 74 -32.91 -17.72 15.63
N THR B 75 -33.03 -18.67 16.57
CA THR B 75 -32.11 -19.80 16.72
C THR B 75 -32.13 -20.80 15.56
N SER B 76 -33.11 -20.73 14.67
CA SER B 76 -33.08 -21.60 13.50
C SER B 76 -31.99 -21.13 12.53
N GLU B 77 -31.29 -22.08 11.92
CA GLU B 77 -30.13 -21.72 11.10
C GLU B 77 -30.53 -21.13 9.75
N ASP B 78 -31.75 -21.36 9.28
CA ASP B 78 -32.24 -20.60 8.12
C ASP B 78 -32.38 -19.13 8.49
N HIS B 79 -32.99 -18.85 9.65
CA HIS B 79 -33.06 -17.49 10.14
C HIS B 79 -31.69 -16.89 10.34
N GLN B 80 -30.78 -17.66 10.95
CA GLN B 80 -29.45 -17.13 11.26
C GLN B 80 -28.63 -16.87 10.00
N LYS B 81 -28.77 -17.74 8.98
CA LYS B 81 -28.15 -17.46 7.69
C LYS B 81 -28.71 -16.18 7.08
N GLN B 82 -30.01 -15.95 7.26
CA GLN B 82 -30.60 -14.70 6.77
C GLN B 82 -30.05 -13.48 7.52
N ILE B 83 -29.83 -13.59 8.84
CA ILE B 83 -29.22 -12.49 9.59
C ILE B 83 -27.79 -12.24 9.12
N PHE B 84 -27.05 -13.32 8.85
CA PHE B 84 -25.67 -13.16 8.37
C PHE B 84 -25.64 -12.45 7.02
N GLU B 85 -26.55 -12.84 6.11
CA GLU B 85 -26.63 -12.19 4.81
C GLU B 85 -27.07 -10.74 4.93
N ALA B 86 -27.98 -10.44 5.85
CA ALA B 86 -28.44 -9.06 6.04
C ALA B 86 -27.32 -8.18 6.57
N LEU B 87 -26.55 -8.68 7.55
CA LEU B 87 -25.41 -7.92 8.06
C LEU B 87 -24.34 -7.73 6.99
N LYS B 88 -24.08 -8.77 6.20
CA LYS B 88 -23.09 -8.69 5.13
C LYS B 88 -23.50 -7.66 4.07
N LYS B 89 -24.78 -7.67 3.67
CA LYS B 89 -25.25 -6.73 2.66
C LYS B 89 -25.29 -5.29 3.19
N ALA B 90 -25.65 -5.13 4.48
CA ALA B 90 -25.64 -3.81 5.08
C ALA B 90 -24.23 -3.22 5.11
N ALA B 91 -23.25 -4.05 5.47
CA ALA B 91 -21.86 -3.58 5.44
C ALA B 91 -21.37 -3.35 4.01
N GLU B 92 -21.85 -4.16 3.05
CA GLU B 92 -21.46 -3.99 1.65
C GLU B 92 -21.93 -2.65 1.10
N GLU B 93 -23.19 -2.30 1.37
CA GLU B 93 -23.68 -0.99 0.95
C GLU B 93 -23.12 0.13 1.82
N MET B 94 -22.65 -0.19 3.02
CA MET B 94 -21.90 0.79 3.81
C MET B 94 -20.55 1.10 3.17
N ALA B 95 -19.97 0.14 2.47
CA ALA B 95 -18.70 0.39 1.78
C ALA B 95 -18.85 1.38 0.64
N HIS B 96 -19.99 1.38 -0.04
CA HIS B 96 -20.12 2.11 -1.30
C HIS B 96 -20.40 3.61 -1.10
N ARG B 97 -20.80 4.04 0.09
CA ARG B 97 -21.20 5.42 0.30
C ARG B 97 -20.52 6.09 1.48
N SER B 98 -19.48 5.47 2.05
CA SER B 98 -18.86 5.97 3.26
C SER B 98 -17.99 7.20 2.96
N ASP B 99 -18.30 8.32 3.61
CA ASP B 99 -17.45 9.51 3.53
C ASP B 99 -16.99 10.00 4.91
N SER B 100 -17.90 10.15 5.86
CA SER B 100 -17.56 10.74 7.15
C SER B 100 -16.71 9.77 7.97
N HIS B 101 -16.04 10.32 8.99
CA HIS B 101 -15.19 9.49 9.84
C HIS B 101 -16.02 8.46 10.61
N GLU B 102 -17.23 8.84 11.03
CA GLU B 102 -18.12 7.92 11.73
C GLU B 102 -18.65 6.81 10.84
N ASP B 103 -18.53 6.93 9.52
CA ASP B 103 -19.09 5.91 8.61
C ASP B 103 -18.39 4.56 8.80
N ARG B 104 -17.06 4.57 8.94
CA ARG B 104 -16.35 3.33 9.19
C ARG B 104 -16.66 2.78 10.58
N LEU B 105 -16.90 3.67 11.55
CA LEU B 105 -17.29 3.22 12.89
C LEU B 105 -18.63 2.48 12.84
N VAL B 106 -19.59 3.01 12.07
CA VAL B 106 -20.80 2.25 11.78
C VAL B 106 -20.45 0.95 11.08
N MET B 107 -19.53 1.03 10.13
CA MET B 107 -19.19 -0.12 9.29
C MET B 107 -18.44 -1.18 10.08
N ALA B 108 -17.46 -0.77 10.89
CA ALA B 108 -16.68 -1.74 11.67
C ALA B 108 -17.56 -2.45 12.68
N LEU B 109 -18.48 -1.72 13.32
CA LEU B 109 -19.37 -2.32 14.31
C LEU B 109 -20.29 -3.36 13.68
N ILE B 110 -20.80 -3.08 12.47
CA ILE B 110 -21.57 -4.09 11.76
C ILE B 110 -20.72 -5.31 11.48
N LEU B 111 -19.49 -5.10 11.01
CA LEU B 111 -18.57 -6.20 10.73
C LEU B 111 -18.20 -6.97 12.00
N GLN B 112 -17.92 -6.25 13.09
CA GLN B 112 -17.60 -6.92 14.36
C GLN B 112 -18.79 -7.72 14.87
N THR B 113 -20.01 -7.16 14.77
CA THR B 113 -21.21 -7.92 15.13
C THR B 113 -21.43 -9.08 14.18
N TYR B 114 -21.19 -8.87 12.89
CA TYR B 114 -21.33 -9.93 11.89
C TYR B 114 -20.41 -11.11 12.19
N ALA B 115 -19.13 -10.83 12.44
CA ALA B 115 -18.16 -11.89 12.73
C ALA B 115 -18.47 -12.55 14.07
N ASN B 116 -18.85 -11.77 15.08
CA ASN B 116 -19.26 -12.33 16.36
C ASN B 116 -20.43 -13.27 16.21
N ALA B 117 -21.46 -12.87 15.45
CA ALA B 117 -22.69 -13.64 15.37
C ALA B 117 -22.49 -14.96 14.62
N LYS B 118 -21.74 -14.91 13.51
CA LYS B 118 -21.46 -16.12 12.74
C LYS B 118 -20.71 -17.15 13.59
N VAL B 119 -19.78 -16.68 14.40
CA VAL B 119 -18.95 -17.59 15.19
C VAL B 119 -19.74 -18.14 16.36
N THR B 120 -20.45 -17.26 17.09
CA THR B 120 -21.17 -17.65 18.30
C THR B 120 -22.23 -18.72 18.00
N PHE B 121 -22.91 -18.58 16.87
CA PHE B 121 -23.90 -19.57 16.46
C PHE B 121 -23.25 -20.93 16.22
N ARG B 122 -22.04 -20.94 15.67
CA ARG B 122 -21.37 -22.21 15.39
C ARG B 122 -20.96 -22.92 16.66
N ILE B 123 -20.50 -22.18 17.68
CA ILE B 123 -20.25 -22.80 18.99
C ILE B 123 -21.55 -23.33 19.58
N LEU B 124 -22.59 -22.51 19.56
CA LEU B 124 -23.85 -22.90 20.19
C LEU B 124 -24.51 -24.06 19.44
N ASN B 125 -24.44 -24.06 18.11
CA ASN B 125 -25.07 -25.14 17.34
C ASN B 125 -24.30 -26.45 17.47
N SER B 126 -22.99 -26.40 17.73
CA SER B 126 -22.18 -27.61 17.69
C SER B 126 -22.48 -28.54 18.86
N GLY B 127 -22.20 -28.10 20.08
CA GLY B 127 -22.41 -28.95 21.24
C GLY B 127 -23.85 -29.22 21.56
N LYS B 128 -24.76 -28.36 21.09
CA LYS B 128 -26.18 -28.64 21.18
C LYS B 128 -26.55 -29.87 20.36
N ALA B 129 -25.97 -29.99 19.17
CA ALA B 129 -26.13 -31.22 18.39
C ALA B 129 -25.24 -32.34 18.91
N LEU B 130 -24.03 -32.00 19.37
CA LEU B 130 -23.08 -32.98 19.89
C LEU B 130 -23.42 -33.47 21.30
N GLY B 131 -24.45 -32.91 21.94
CA GLY B 131 -24.87 -33.37 23.23
C GLY B 131 -24.13 -32.78 24.41
N LYS B 132 -23.19 -31.88 24.17
CA LYS B 132 -22.45 -31.20 25.25
C LYS B 132 -22.93 -29.76 25.28
N GLU B 133 -23.87 -29.47 26.19
CA GLU B 133 -24.43 -28.13 26.31
C GLU B 133 -23.85 -27.34 27.48
N ASP B 134 -23.10 -27.99 28.37
CA ASP B 134 -22.36 -27.25 29.39
C ASP B 134 -21.23 -26.44 28.76
N GLU B 135 -20.45 -27.08 27.89
CA GLU B 135 -19.21 -26.48 27.39
C GLU B 135 -19.47 -25.40 26.35
N ALA B 136 -20.50 -25.58 25.51
CA ALA B 136 -20.75 -24.65 24.41
C ALA B 136 -21.09 -23.26 24.93
N GLN B 137 -21.91 -23.16 25.98
CA GLN B 137 -22.22 -21.84 26.51
C GLN B 137 -21.09 -21.25 27.32
N LYS B 138 -20.13 -22.07 27.77
CA LYS B 138 -18.91 -21.52 28.37
C LYS B 138 -18.07 -20.79 27.33
N MET B 139 -17.86 -21.41 26.17
CA MET B 139 -17.01 -20.81 25.15
C MET B 139 -17.67 -19.61 24.49
N ALA B 140 -19.00 -19.62 24.38
CA ALA B 140 -19.71 -18.48 23.81
C ALA B 140 -19.59 -17.25 24.69
N ASP B 141 -19.66 -17.43 26.02
CA ASP B 141 -19.46 -16.32 26.94
C ASP B 141 -18.03 -15.78 26.86
N ARG B 142 -17.04 -16.68 26.78
CA ARG B 142 -15.66 -16.25 26.64
C ARG B 142 -15.43 -15.53 25.31
N TRP B 143 -16.05 -16.05 24.24
CA TRP B 143 -15.95 -15.38 22.94
C TRP B 143 -16.60 -14.00 22.96
N THR B 144 -17.62 -13.82 23.80
CA THR B 144 -18.26 -12.51 23.94
C THR B 144 -17.31 -11.48 24.53
N ARG B 145 -16.56 -11.86 25.57
CA ARG B 145 -15.61 -10.93 26.18
C ARG B 145 -14.49 -10.55 25.20
N LEU B 146 -13.96 -11.55 24.48
CA LEU B 146 -12.87 -11.29 23.53
C LEU B 146 -13.35 -10.47 22.35
N SER B 147 -14.54 -10.77 21.83
CA SER B 147 -15.08 -9.97 20.73
C SER B 147 -15.39 -8.56 21.16
N ALA B 148 -15.82 -8.37 22.42
CA ALA B 148 -16.00 -7.03 22.95
C ALA B 148 -14.69 -6.27 22.98
N GLU B 149 -13.61 -6.93 23.39
CA GLU B 149 -12.31 -6.28 23.38
C GLU B 149 -11.80 -6.07 21.96
N ALA B 150 -12.01 -7.05 21.08
CA ALA B 150 -11.54 -6.94 19.69
C ALA B 150 -12.26 -5.81 18.97
N ALA B 151 -13.57 -5.69 19.17
CA ALA B 151 -14.34 -4.63 18.51
C ALA B 151 -13.92 -3.25 19.00
N SER B 152 -13.59 -3.13 20.29
CA SER B 152 -13.16 -1.84 20.83
C SER B 152 -11.83 -1.40 20.24
N LEU B 153 -10.94 -2.35 19.95
CA LEU B 153 -9.63 -2.00 19.39
C LEU B 153 -9.75 -1.46 17.97
N SER B 154 -10.67 -2.03 17.17
CA SER B 154 -10.88 -1.54 15.81
C SER B 154 -11.46 -0.14 15.80
N VAL B 155 -12.35 0.16 16.74
CA VAL B 155 -12.84 1.53 16.90
C VAL B 155 -11.70 2.44 17.34
N GLN B 156 -10.83 1.95 18.23
CA GLN B 156 -9.67 2.71 18.64
C GLN B 156 -8.70 2.93 17.49
N ALA B 157 -8.57 1.93 16.61
CA ALA B 157 -7.66 2.06 15.47
C ALA B 157 -8.19 3.06 14.44
N ILE B 158 -9.50 3.03 14.18
CA ILE B 158 -10.09 3.93 13.19
C ILE B 158 -10.15 5.35 13.75
N ASN B 159 -10.28 5.48 15.07
CA ASN B 159 -10.20 6.80 15.69
C ASN B 159 -8.84 7.44 15.48
N ASP B 160 -7.79 6.63 15.37
CA ASP B 160 -6.46 7.10 15.05
C ASP B 160 -6.24 7.32 13.56
N SER B 161 -7.23 7.04 12.71
CA SER B 161 -7.08 7.24 11.26
C SER B 161 -7.09 8.71 10.87
N THR B 162 -7.49 9.61 11.75
CA THR B 162 -7.46 11.04 11.46
C THR B 162 -6.05 11.62 11.44
N SER B 163 -5.06 10.85 11.87
CA SER B 163 -3.66 11.25 11.87
C SER B 163 -2.85 10.34 10.95
N ALA B 164 -1.57 10.68 10.83
CA ALA B 164 -0.61 9.85 10.12
C ALA B 164 0.56 9.39 10.99
N GLU B 165 0.70 9.94 12.20
CA GLU B 165 1.72 9.49 13.14
C GLU B 165 1.19 8.44 14.11
N LYS B 166 -0.04 8.58 14.58
CA LYS B 166 -0.68 7.51 15.35
C LYS B 166 -0.90 6.26 14.52
N MET B 167 -1.14 6.41 13.21
CA MET B 167 -1.25 5.26 12.33
C MET B 167 0.07 4.52 12.13
N ALA B 168 1.15 5.26 11.90
CA ALA B 168 2.46 4.62 11.77
C ALA B 168 2.86 3.95 13.06
N GLU B 169 2.57 4.60 14.19
CA GLU B 169 2.85 4.03 15.51
C GLU B 169 2.02 2.77 15.76
N ASN B 170 0.71 2.85 15.47
CA ASN B 170 -0.18 1.71 15.65
C ASN B 170 0.27 0.52 14.80
N PHE B 171 0.59 0.79 13.53
CA PHE B 171 0.98 -0.28 12.63
C PHE B 171 2.31 -0.90 13.04
N ARG B 172 3.30 -0.07 13.37
CA ARG B 172 4.62 -0.58 13.72
C ARG B 172 4.56 -1.40 15.01
N GLN B 173 3.87 -0.87 16.04
CA GLN B 173 3.76 -1.60 17.29
C GLN B 173 2.94 -2.89 17.12
N ALA B 174 1.82 -2.83 16.38
CA ALA B 174 1.00 -4.02 16.20
C ALA B 174 1.72 -5.10 15.41
N LYS B 175 2.48 -4.72 14.37
CA LYS B 175 3.23 -5.69 13.59
C LYS B 175 4.37 -6.29 14.41
N GLU B 176 5.09 -5.44 15.16
CA GLU B 176 6.12 -5.91 16.09
C GLU B 176 5.55 -6.94 17.06
N ASP B 177 4.41 -6.63 17.67
CA ASP B 177 3.83 -7.53 18.67
C ASP B 177 3.29 -8.80 18.03
N ALA B 178 2.74 -8.70 16.81
CA ALA B 178 2.19 -9.89 16.17
C ALA B 178 3.29 -10.87 15.81
N VAL B 179 4.39 -10.38 15.23
CA VAL B 179 5.52 -11.22 14.89
C VAL B 179 6.15 -11.82 16.15
N ALA B 180 6.36 -10.98 17.18
CA ALA B 180 6.98 -11.46 18.41
C ALA B 180 6.09 -12.48 19.12
N SER B 181 4.77 -12.26 19.09
CA SER B 181 3.83 -13.21 19.69
C SER B 181 3.86 -14.55 19.00
N LEU B 182 3.91 -14.55 17.66
CA LEU B 182 3.93 -15.85 16.98
C LEU B 182 5.27 -16.55 17.15
N HIS B 183 6.35 -15.79 17.37
CA HIS B 183 7.63 -16.44 17.69
C HIS B 183 7.60 -17.06 19.09
N ARG B 184 6.83 -16.50 20.03
CA ARG B 184 6.65 -17.13 21.34
C ARG B 184 6.06 -18.53 21.22
N ALA B 185 5.05 -18.68 20.34
CA ALA B 185 4.29 -19.92 20.25
C ALA B 185 4.96 -20.97 19.38
N GLY B 186 6.23 -20.77 19.01
CA GLY B 186 6.94 -21.74 18.21
C GLY B 186 6.58 -21.76 16.74
N GLN B 187 5.81 -20.78 16.27
CA GLN B 187 5.44 -20.71 14.85
C GLN B 187 6.33 -19.69 14.14
N ASP B 188 7.58 -20.11 13.90
CA ASP B 188 8.60 -19.21 13.39
C ASP B 188 8.33 -18.79 11.95
N ASP B 189 8.04 -19.76 11.07
CA ASP B 189 7.75 -19.44 9.68
C ASP B 189 6.48 -18.59 9.56
N LEU B 190 5.50 -18.84 10.41
CA LEU B 190 4.25 -18.07 10.38
C LEU B 190 4.47 -16.62 10.75
N ALA B 191 5.34 -16.34 11.72
CA ALA B 191 5.63 -14.97 12.11
C ALA B 191 6.28 -14.19 10.97
N ARG B 192 7.19 -14.84 10.23
CA ARG B 192 7.76 -14.19 9.06
C ARG B 192 6.70 -13.96 7.98
N LYS B 193 5.84 -14.96 7.76
CA LYS B 193 4.70 -14.81 6.84
C LYS B 193 3.84 -13.61 7.21
N VAL B 194 3.60 -13.42 8.51
CA VAL B 194 2.79 -12.30 8.99
C VAL B 194 3.51 -10.98 8.77
N SER B 195 4.83 -10.97 8.94
CA SER B 195 5.60 -9.76 8.67
C SER B 195 5.49 -9.34 7.20
N GLU B 196 5.59 -10.32 6.29
CA GLU B 196 5.39 -10.01 4.87
C GLU B 196 3.97 -9.56 4.59
N PHE B 197 2.98 -10.23 5.19
CA PHE B 197 1.58 -9.88 4.99
C PHE B 197 1.31 -8.45 5.43
N ALA B 198 1.87 -8.06 6.58
CA ALA B 198 1.71 -6.71 7.11
C ALA B 198 2.37 -5.69 6.20
N ASP B 199 3.53 -6.02 5.64
CA ASP B 199 4.21 -5.06 4.78
C ASP B 199 3.61 -4.97 3.38
N ALA B 200 2.63 -5.82 3.04
CA ALA B 200 2.20 -6.00 1.65
C ALA B 200 0.94 -5.22 1.32
N GLY B 201 0.75 -4.05 1.93
CA GLY B 201 -0.44 -3.24 1.67
C GLY B 201 -1.72 -3.97 2.04
N LEU B 202 -2.71 -3.87 1.16
CA LEU B 202 -3.95 -4.62 1.27
C LEU B 202 -3.95 -5.87 0.41
N SER B 203 -2.81 -6.20 -0.22
CA SER B 203 -2.76 -7.28 -1.17
C SER B 203 -2.84 -8.65 -0.51
N LYS B 204 -2.48 -8.76 0.76
CA LYS B 204 -2.44 -10.04 1.46
C LYS B 204 -3.42 -10.08 2.61
N ILE B 205 -4.41 -9.17 2.60
CA ILE B 205 -5.30 -9.01 3.74
C ILE B 205 -6.23 -10.21 3.87
N ASP B 206 -6.56 -10.88 2.76
CA ASP B 206 -7.42 -12.06 2.85
C ASP B 206 -6.72 -13.20 3.58
N GLU B 207 -5.44 -13.42 3.26
CA GLU B 207 -4.64 -14.40 3.96
C GLU B 207 -4.48 -14.04 5.44
N LEU B 208 -4.26 -12.76 5.72
CA LEU B 208 -4.07 -12.30 7.10
C LEU B 208 -5.33 -12.49 7.93
N MET B 209 -6.50 -12.14 7.40
CA MET B 209 -7.74 -12.30 8.16
C MET B 209 -8.14 -13.77 8.27
N THR B 210 -7.85 -14.57 7.23
CA THR B 210 -8.04 -16.02 7.33
C THR B 210 -7.28 -16.59 8.51
N LEU B 211 -5.98 -16.28 8.58
CA LEU B 211 -5.15 -16.73 9.69
C LEU B 211 -5.62 -16.15 11.02
N THR B 212 -6.11 -14.91 11.02
CA THR B 212 -6.66 -14.31 12.24
C THR B 212 -7.87 -15.10 12.75
N GLY B 213 -8.76 -15.51 11.85
CA GLY B 213 -9.90 -16.31 12.26
C GLY B 213 -9.52 -17.66 12.81
N GLN B 214 -8.60 -18.35 12.12
CA GLN B 214 -8.12 -19.63 12.63
C GLN B 214 -7.41 -19.49 13.97
N MET B 215 -6.74 -18.36 14.21
CA MET B 215 -6.11 -18.13 15.50
C MET B 215 -7.11 -17.73 16.57
N TRP B 216 -8.20 -17.05 16.18
CA TRP B 216 -9.24 -16.71 17.12
C TRP B 216 -9.92 -17.95 17.66
N ALA B 217 -10.27 -18.88 16.77
CA ALA B 217 -10.90 -20.12 17.22
C ALA B 217 -9.96 -20.96 18.06
N HIS B 218 -8.65 -20.89 17.79
CA HIS B 218 -7.69 -21.61 18.62
C HIS B 218 -7.40 -20.89 19.93
N GLY B 219 -7.34 -19.56 19.90
CA GLY B 219 -7.12 -18.81 21.12
C GLY B 219 -8.31 -18.81 22.04
N LEU B 220 -9.51 -18.99 21.48
CA LEU B 220 -10.71 -19.14 22.29
C LEU B 220 -10.69 -20.45 23.06
N PHE B 221 -10.27 -21.53 22.42
CA PHE B 221 -10.27 -22.87 23.02
C PHE B 221 -9.04 -23.15 23.86
N SER B 222 -8.03 -22.29 23.84
CA SER B 222 -6.80 -22.57 24.57
C SER B 222 -6.23 -21.30 25.18
N LYS B 223 -5.86 -21.40 26.45
CA LYS B 223 -5.23 -20.31 27.17
C LYS B 223 -3.92 -19.88 26.52
N GLU B 224 -3.17 -20.85 25.97
CA GLU B 224 -1.82 -20.59 25.49
C GLU B 224 -1.79 -19.82 24.17
N TRP B 225 -2.80 -20.01 23.31
CA TRP B 225 -2.83 -19.36 22.01
C TRP B 225 -3.48 -17.98 22.03
N GLU B 226 -3.91 -17.49 23.20
CA GLU B 226 -4.78 -16.32 23.25
C GLU B 226 -4.01 -15.03 22.92
N ASP B 227 -2.76 -14.95 23.37
CA ASP B 227 -1.95 -13.75 23.09
C ASP B 227 -1.70 -13.58 21.60
N ALA B 228 -1.40 -14.69 20.90
CA ALA B 228 -1.22 -14.64 19.45
C ALA B 228 -2.49 -14.20 18.74
N ALA B 229 -3.65 -14.71 19.20
CA ALA B 229 -4.92 -14.32 18.59
C ALA B 229 -5.20 -12.83 18.77
N ARG B 230 -4.98 -12.32 19.99
CA ARG B 230 -5.19 -10.90 20.25
C ARG B 230 -4.17 -10.01 19.51
N SER B 231 -2.94 -10.49 19.35
CA SER B 231 -1.92 -9.73 18.63
C SER B 231 -2.25 -9.63 17.15
N LEU B 232 -2.62 -10.77 16.54
CA LEU B 232 -3.06 -10.79 15.15
C LEU B 232 -4.29 -9.93 14.96
N SER B 233 -5.22 -9.97 15.93
CA SER B 233 -6.42 -9.15 15.88
C SER B 233 -6.10 -7.65 15.90
N ARG B 234 -5.13 -7.25 16.73
CA ARG B 234 -4.76 -5.84 16.78
C ARG B 234 -4.11 -5.38 15.48
N LEU B 235 -3.21 -6.21 14.92
CA LEU B 235 -2.60 -5.85 13.65
C LEU B 235 -3.63 -5.78 12.52
N ALA B 236 -4.58 -6.74 12.53
CA ALA B 236 -5.67 -6.73 11.55
C ALA B 236 -6.57 -5.52 11.72
N ALA B 237 -6.83 -5.11 12.96
CA ALA B 237 -7.65 -3.93 13.20
C ALA B 237 -6.99 -2.68 12.65
N VAL B 238 -5.67 -2.55 12.84
CA VAL B 238 -4.95 -1.40 12.28
C VAL B 238 -5.00 -1.42 10.76
N MET B 239 -4.79 -2.60 10.16
CA MET B 239 -4.77 -2.67 8.70
C MET B 239 -6.16 -2.43 8.10
N LEU B 240 -7.22 -2.80 8.83
CA LEU B 240 -8.57 -2.49 8.41
C LEU B 240 -8.92 -1.03 8.64
N ALA B 241 -8.29 -0.40 9.64
CA ALA B 241 -8.40 1.05 9.78
C ALA B 241 -7.78 1.75 8.57
N GLN B 242 -6.67 1.21 8.07
CA GLN B 242 -6.13 1.71 6.82
C GLN B 242 -7.06 1.42 5.64
N ALA B 243 -7.68 0.24 5.64
CA ALA B 243 -8.49 -0.17 4.49
C ALA B 243 -9.78 0.63 4.37
N SER B 244 -10.38 1.02 5.50
CA SER B 244 -11.68 1.67 5.46
C SER B 244 -11.61 3.17 5.19
N GLN B 245 -10.40 3.73 5.02
CA GLN B 245 -10.26 5.15 4.73
C GLN B 245 -10.80 5.53 3.35
N THR B 246 -10.93 4.57 2.44
CA THR B 246 -11.46 4.79 1.10
C THR B 246 -12.74 3.99 0.92
N LYS B 247 -13.42 4.26 -0.19
CA LYS B 247 -14.60 3.47 -0.55
C LYS B 247 -14.21 2.08 -1.05
N GLU B 248 -13.20 2.00 -1.93
CA GLU B 248 -12.83 0.74 -2.54
C GLU B 248 -12.25 -0.24 -1.53
N GLY B 249 -11.41 0.25 -0.61
CA GLY B 249 -10.84 -0.62 0.41
C GLY B 249 -11.82 -1.06 1.46
N SER B 250 -12.91 -0.30 1.66
CA SER B 250 -13.94 -0.69 2.62
C SER B 250 -14.63 -1.98 2.20
N LEU B 251 -14.89 -2.15 0.90
CA LEU B 251 -15.46 -3.40 0.41
C LEU B 251 -14.54 -4.58 0.67
N ARG B 252 -13.23 -4.35 0.56
CA ARG B 252 -12.28 -5.40 0.88
C ARG B 252 -12.23 -5.65 2.38
N ALA B 253 -12.46 -4.63 3.20
CA ALA B 253 -12.62 -4.86 4.64
C ALA B 253 -13.80 -5.77 4.91
N VAL B 254 -14.93 -5.56 4.20
CA VAL B 254 -16.10 -6.44 4.32
C VAL B 254 -15.74 -7.87 3.94
N LYS B 255 -15.12 -8.03 2.76
CA LYS B 255 -14.83 -9.37 2.26
C LYS B 255 -13.82 -10.11 3.14
N ALA B 256 -12.82 -9.38 3.62
CA ALA B 256 -11.82 -9.98 4.50
C ALA B 256 -12.41 -10.30 5.87
N MET B 257 -13.35 -9.47 6.33
CA MET B 257 -14.11 -9.78 7.54
C MET B 257 -14.91 -11.05 7.39
N GLU B 258 -15.53 -11.23 6.21
CA GLU B 258 -16.24 -12.48 5.92
C GLU B 258 -15.29 -13.67 5.97
N LYS B 259 -14.10 -13.51 5.41
CA LYS B 259 -13.11 -14.60 5.47
C LYS B 259 -12.72 -14.93 6.90
N MET B 260 -12.50 -13.89 7.73
CA MET B 260 -12.15 -14.14 9.13
C MET B 260 -13.27 -14.85 9.86
N ALA B 261 -14.52 -14.40 9.66
CA ALA B 261 -15.67 -14.99 10.34
C ALA B 261 -15.88 -16.43 9.92
N ASP B 262 -15.77 -16.71 8.62
CA ASP B 262 -15.98 -18.06 8.13
C ASP B 262 -14.90 -19.01 8.63
N ASN B 263 -13.63 -18.59 8.58
CA ASN B 263 -12.54 -19.44 9.07
C ASN B 263 -12.66 -19.67 10.57
N ALA B 264 -13.00 -18.63 11.33
CA ALA B 264 -13.12 -18.77 12.77
C ALA B 264 -14.27 -19.70 13.14
N ALA B 265 -15.41 -19.59 12.46
CA ALA B 265 -16.54 -20.47 12.74
C ALA B 265 -16.22 -21.92 12.37
N ASP B 266 -15.58 -22.14 11.21
CA ASP B 266 -15.28 -23.51 10.81
C ASP B 266 -14.24 -24.15 11.73
N GLU B 267 -13.24 -23.38 12.17
CA GLU B 267 -12.25 -23.94 13.09
C GLU B 267 -12.81 -24.14 14.50
N ALA B 268 -13.77 -23.30 14.92
CA ALA B 268 -14.46 -23.58 16.18
C ALA B 268 -15.32 -24.84 16.06
N GLU B 269 -15.90 -25.07 14.88
CA GLU B 269 -16.65 -26.30 14.63
C GLU B 269 -15.72 -27.52 14.69
N LYS B 270 -14.49 -27.36 14.21
CA LYS B 270 -13.45 -28.37 14.45
C LYS B 270 -13.25 -28.60 15.94
N LEU B 271 -12.91 -27.54 16.67
CA LEU B 271 -12.47 -27.65 18.06
C LEU B 271 -13.57 -28.12 19.01
N MET B 272 -14.85 -27.98 18.62
CA MET B 272 -15.92 -28.45 19.49
C MET B 272 -16.05 -29.97 19.49
N LYS B 273 -15.66 -30.63 18.38
CA LYS B 273 -15.77 -32.08 18.28
C LYS B 273 -14.41 -32.77 18.27
N ALA B 274 -13.34 -32.05 18.62
CA ALA B 274 -12.02 -32.65 18.71
C ALA B 274 -11.48 -32.61 20.13
#